data_8HXR
#
_entry.id   8HXR
#
_cell.length_a   80.062
_cell.length_b   80.062
_cell.length_c   78.955
_cell.angle_alpha   90.000
_cell.angle_beta   90.000
_cell.angle_gamma   90.000
#
_symmetry.space_group_name_H-M   'P 41'
#
loop_
_entity.id
_entity.type
_entity.pdbx_description
1 polymer Nanobody2
2 polymer 'Tumor necrosis factor receptor superfamily member 17'
3 water water
#
loop_
_entity_poly.entity_id
_entity_poly.type
_entity_poly.pdbx_seq_one_letter_code
_entity_poly.pdbx_strand_id
1 'polypeptide(L)'
;EVQLVESGGGLVQAGGSLRLSCAASGRTFTMGWFRQAPGKEREFVAAISLSPTLAYYAESVKGRFTISRDNAKNTVVLQM
NSLKPEDTALYYCAADRKSVMSIRPDYWGQGTQVTVSSHHHHHH
;
B,A
2 'polypeptide(L)' MLQMAGQCSQNEYFDSLLHACIPCQLRCSSNTPPLTCQRYCNASVTNSVKGTNA D,C
#
# COMPACT_ATOMS: atom_id res chain seq x y z
N GLU A 1 -0.49 26.92 10.65
CA GLU A 1 -0.73 25.51 10.93
C GLU A 1 0.09 24.62 9.99
N VAL A 2 -0.51 23.51 9.58
CA VAL A 2 0.04 22.62 8.57
C VAL A 2 -0.69 22.87 7.26
N GLN A 3 0.06 23.11 6.20
CA GLN A 3 -0.50 23.35 4.88
C GLN A 3 -0.28 22.13 3.99
N LEU A 4 -1.29 21.80 3.19
CA LEU A 4 -1.25 20.65 2.29
C LEU A 4 -1.42 21.13 0.86
N VAL A 5 -0.51 20.69 -0.02
CA VAL A 5 -0.54 21.07 -1.43
C VAL A 5 -0.65 19.81 -2.27
N GLU A 6 -1.60 19.79 -3.19
CA GLU A 6 -1.91 18.60 -3.98
C GLU A 6 -1.32 18.71 -5.38
N SER A 7 -1.09 17.55 -6.00
CA SER A 7 -0.45 17.45 -7.29
C SER A 7 -0.95 16.21 -8.01
N GLY A 8 -0.98 16.29 -9.33
CA GLY A 8 -1.15 15.12 -10.18
C GLY A 8 -2.52 14.94 -10.81
N GLY A 9 -3.52 15.72 -10.40
CA GLY A 9 -4.88 15.54 -10.90
C GLY A 9 -5.04 15.72 -12.39
N GLY A 10 -6.24 15.44 -12.91
CA GLY A 10 -6.50 15.66 -14.31
C GLY A 10 -7.43 14.67 -14.98
N LEU A 11 -7.24 14.48 -16.28
CA LEU A 11 -8.13 13.66 -17.10
C LEU A 11 -7.54 12.27 -17.27
N VAL A 12 -8.38 11.24 -17.09
CA VAL A 12 -8.02 9.85 -17.27
C VAL A 12 -9.19 9.15 -17.93
N GLN A 13 -8.94 7.96 -18.45
CA GLN A 13 -9.99 7.18 -19.11
C GLN A 13 -10.33 5.96 -18.27
N ALA A 14 -11.53 5.43 -18.50
CA ALA A 14 -12.00 4.25 -17.77
C ALA A 14 -11.02 3.10 -17.95
N GLY A 15 -10.61 2.50 -16.84
CA GLY A 15 -9.58 1.49 -16.83
C GLY A 15 -8.17 2.03 -16.71
N GLY A 16 -7.99 3.34 -16.66
CA GLY A 16 -6.67 3.94 -16.65
C GLY A 16 -6.10 4.08 -15.26
N SER A 17 -4.92 4.71 -15.21
CA SER A 17 -4.18 4.91 -13.97
C SER A 17 -3.91 6.39 -13.77
N LEU A 18 -3.72 6.77 -12.51
CA LEU A 18 -3.43 8.15 -12.18
C LEU A 18 -2.84 8.23 -10.77
N ARG A 19 -1.80 9.04 -10.61
CA ARG A 19 -1.08 9.17 -9.34
C ARG A 19 -1.27 10.57 -8.79
N LEU A 20 -1.94 10.67 -7.65
CA LEU A 20 -2.05 11.94 -6.92
C LEU A 20 -1.05 11.94 -5.78
N SER A 21 -0.47 13.10 -5.51
CA SER A 21 0.42 13.24 -4.37
C SER A 21 0.08 14.51 -3.60
N CYS A 22 0.47 14.55 -2.34
CA CYS A 22 0.15 15.66 -1.45
C CYS A 22 1.34 15.91 -0.54
N ALA A 23 1.84 17.14 -0.56
CA ALA A 23 2.98 17.56 0.24
C ALA A 23 2.51 18.39 1.43
N ALA A 24 2.91 17.99 2.62
CA ALA A 24 2.57 18.67 3.85
C ALA A 24 3.79 19.40 4.40
N SER A 25 3.56 20.62 4.89
CA SER A 25 4.65 21.38 5.52
C SER A 25 5.03 20.82 6.88
N GLY A 26 4.25 19.90 7.44
CA GLY A 26 4.55 19.32 8.74
C GLY A 26 4.11 17.88 8.79
N ARG A 27 4.49 17.22 9.89
CA ARG A 27 4.25 15.79 10.07
C ARG A 27 3.10 15.57 11.03
N THR A 28 2.08 14.84 10.59
CA THR A 28 0.99 14.38 11.43
C THR A 28 0.97 12.86 11.41
N PHE A 29 0.28 12.27 12.40
CA PHE A 29 0.26 10.82 12.51
C PHE A 29 -0.53 10.18 11.38
N THR A 30 -1.59 10.82 10.90
CA THR A 30 -2.44 10.26 9.87
C THR A 30 -2.41 11.15 8.63
N MET A 31 -2.13 10.55 7.47
CA MET A 31 -2.28 11.24 6.20
C MET A 31 -3.27 10.46 5.34
N GLY A 32 -3.92 11.12 4.39
CA GLY A 32 -4.86 10.39 3.56
C GLY A 32 -5.56 11.29 2.57
N TRP A 33 -6.62 10.73 1.98
CA TRP A 33 -7.37 11.34 0.89
C TRP A 33 -8.86 11.12 1.07
N PHE A 34 -9.62 12.19 0.84
CA PHE A 34 -11.07 12.21 0.67
C PHE A 34 -11.38 12.63 -0.77
N ARG A 35 -12.66 12.51 -1.13
CA ARG A 35 -13.10 13.00 -2.44
C ARG A 35 -14.55 13.44 -2.34
N GLN A 36 -14.91 14.41 -3.18
CA GLN A 36 -16.26 14.96 -3.23
C GLN A 36 -16.71 15.01 -4.68
N ALA A 37 -17.84 14.34 -4.97
CA ALA A 37 -18.45 14.33 -6.29
C ALA A 37 -19.53 15.41 -6.36
N PRO A 38 -19.83 15.92 -7.57
CA PRO A 38 -20.84 16.97 -7.70
C PRO A 38 -22.20 16.52 -7.17
N GLY A 39 -22.72 17.29 -6.20
CA GLY A 39 -23.99 16.95 -5.60
C GLY A 39 -23.95 15.80 -4.62
N LYS A 40 -22.81 15.54 -4.01
CA LYS A 40 -22.67 14.45 -3.05
C LYS A 40 -21.79 14.91 -1.89
N GLU A 41 -21.93 14.22 -0.77
CA GLU A 41 -21.13 14.53 0.41
C GLU A 41 -19.68 14.12 0.19
N ARG A 42 -18.77 14.82 0.87
CA ARG A 42 -17.36 14.44 0.84
C ARG A 42 -17.19 13.10 1.55
N GLU A 43 -16.49 12.17 0.89
CA GLU A 43 -16.36 10.81 1.39
C GLU A 43 -14.90 10.44 1.54
N PHE A 44 -14.62 9.60 2.54
CA PHE A 44 -13.28 9.13 2.79
C PHE A 44 -12.86 8.14 1.71
N VAL A 45 -11.60 8.26 1.28
CA VAL A 45 -11.03 7.37 0.27
C VAL A 45 -9.98 6.45 0.89
N ALA A 46 -8.90 7.01 1.41
CA ALA A 46 -7.83 6.17 1.94
C ALA A 46 -7.03 6.93 2.98
N ALA A 47 -6.30 6.18 3.80
CA ALA A 47 -5.43 6.82 4.78
C ALA A 47 -4.33 5.85 5.20
N ILE A 48 -3.26 6.42 5.75
CA ILE A 48 -2.10 5.65 6.19
C ILE A 48 -1.51 6.35 7.41
N SER A 49 -1.03 5.55 8.35
CA SER A 49 -0.52 5.99 9.65
C SER A 49 1.00 6.08 9.63
N LEU A 50 1.53 6.88 10.56
CA LEU A 50 2.96 7.14 10.61
C LEU A 50 3.75 5.89 11.02
N SER A 51 3.48 5.38 12.21
CA SER A 51 4.17 4.19 12.69
C SER A 51 3.24 3.38 13.58
N PRO A 52 2.90 2.14 13.17
CA PRO A 52 3.37 1.53 11.93
C PRO A 52 2.63 2.07 10.71
N THR A 53 3.22 1.89 9.52
CA THR A 53 2.57 2.31 8.28
C THR A 53 1.48 1.29 7.97
N LEU A 54 0.25 1.64 8.30
CA LEU A 54 -0.92 0.78 8.07
C LEU A 54 -1.89 1.53 7.19
N ALA A 55 -2.19 0.96 6.03
CA ALA A 55 -3.07 1.57 5.05
C ALA A 55 -4.48 1.01 5.19
N TYR A 56 -5.48 1.90 5.13
CA TYR A 56 -6.87 1.48 5.16
C TYR A 56 -7.67 2.30 4.16
N TYR A 57 -8.61 1.63 3.49
CA TYR A 57 -9.29 2.18 2.33
C TYR A 57 -10.80 2.07 2.50
N ALA A 58 -11.52 2.98 1.85
CA ALA A 58 -12.96 2.84 1.77
C ALA A 58 -13.32 1.58 1.00
N GLU A 59 -14.49 1.03 1.31
CA GLU A 59 -14.93 -0.21 0.66
C GLU A 59 -15.00 -0.06 -0.85
N SER A 60 -15.32 1.14 -1.35
CA SER A 60 -15.55 1.35 -2.77
C SER A 60 -14.27 1.51 -3.59
N VAL A 61 -13.12 1.69 -2.94
CA VAL A 61 -11.85 1.82 -3.65
C VAL A 61 -10.86 0.73 -3.31
N LYS A 62 -11.16 -0.13 -2.33
CA LYS A 62 -10.28 -1.23 -1.99
C LYS A 62 -10.09 -2.15 -3.19
N GLY A 63 -8.86 -2.57 -3.42
CA GLY A 63 -8.54 -3.42 -4.55
C GLY A 63 -8.25 -2.69 -5.84
N ARG A 64 -8.42 -1.38 -5.86
CA ARG A 64 -8.12 -0.57 -7.05
C ARG A 64 -7.20 0.60 -6.73
N PHE A 65 -7.33 1.20 -5.55
CA PHE A 65 -6.48 2.30 -5.13
C PHE A 65 -5.54 1.80 -4.04
N THR A 66 -4.31 2.32 -4.05
CA THR A 66 -3.38 2.12 -2.95
C THR A 66 -2.88 3.49 -2.47
N ILE A 67 -2.31 3.49 -1.27
CA ILE A 67 -1.81 4.72 -0.67
C ILE A 67 -0.46 4.43 -0.02
N SER A 68 0.44 5.40 -0.09
CA SER A 68 1.73 5.32 0.58
C SER A 68 2.06 6.69 1.16
N ARG A 69 3.08 6.72 2.01
CA ARG A 69 3.53 7.99 2.55
C ARG A 69 5.04 7.96 2.74
N ASP A 70 5.68 9.09 2.46
CA ASP A 70 7.07 9.31 2.80
C ASP A 70 7.09 10.18 4.07
N ASN A 71 7.56 9.57 5.17
CA ASN A 71 7.56 10.26 6.46
C ASN A 71 8.63 11.34 6.50
N ALA A 72 9.77 11.11 5.86
CA ALA A 72 10.82 12.12 5.83
C ALA A 72 10.41 13.34 5.01
N LYS A 73 9.80 13.11 3.85
CA LYS A 73 9.35 14.20 2.99
C LYS A 73 7.99 14.76 3.39
N ASN A 74 7.27 14.08 4.28
CA ASN A 74 5.92 14.46 4.67
C ASN A 74 4.99 14.48 3.46
N THR A 75 5.09 13.45 2.62
CA THR A 75 4.24 13.35 1.45
C THR A 75 3.34 12.13 1.58
N VAL A 76 2.18 12.20 0.92
CA VAL A 76 1.24 11.07 0.88
C VAL A 76 0.73 10.92 -0.54
N VAL A 77 0.71 9.69 -1.04
CA VAL A 77 0.47 9.40 -2.45
C VAL A 77 -0.69 8.43 -2.57
N LEU A 78 -1.65 8.77 -3.43
CA LEU A 78 -2.75 7.89 -3.80
C LEU A 78 -2.54 7.43 -5.24
N GLN A 79 -2.27 6.14 -5.41
CA GLN A 79 -2.12 5.53 -6.73
C GLN A 79 -3.44 4.87 -7.11
N MET A 80 -4.03 5.32 -8.22
CA MET A 80 -5.32 4.83 -8.69
C MET A 80 -5.13 3.99 -9.94
N ASN A 81 -5.64 2.77 -9.90
CA ASN A 81 -5.77 1.93 -11.07
C ASN A 81 -7.23 1.47 -11.16
N SER A 82 -7.60 0.96 -12.34
CA SER A 82 -8.96 0.50 -12.60
C SER A 82 -9.98 1.62 -12.36
N LEU A 83 -9.69 2.79 -12.92
CA LEU A 83 -10.54 3.95 -12.73
C LEU A 83 -11.87 3.76 -13.45
N LYS A 84 -12.96 4.10 -12.77
CA LYS A 84 -14.32 4.09 -13.30
C LYS A 84 -14.83 5.52 -13.43
N PRO A 85 -15.78 5.77 -14.35
CA PRO A 85 -16.33 7.12 -14.48
C PRO A 85 -16.88 7.71 -13.19
N GLU A 86 -17.37 6.87 -12.28
CA GLU A 86 -17.87 7.34 -11.00
C GLU A 86 -16.75 7.67 -10.02
N ASP A 87 -15.49 7.49 -10.42
CA ASP A 87 -14.36 7.99 -9.63
C ASP A 87 -14.10 9.48 -9.89
N THR A 88 -14.83 10.10 -10.82
CA THR A 88 -14.69 11.51 -11.08
C THR A 88 -15.12 12.32 -9.86
N ALA A 89 -14.20 13.12 -9.32
CA ALA A 89 -14.48 13.90 -8.12
C ALA A 89 -13.32 14.86 -7.88
N LEU A 90 -13.54 15.77 -6.95
CA LEU A 90 -12.45 16.58 -6.41
C LEU A 90 -11.79 15.80 -5.30
N TYR A 91 -10.49 15.53 -5.44
CA TYR A 91 -9.74 14.72 -4.48
C TYR A 91 -8.97 15.65 -3.56
N TYR A 92 -9.36 15.65 -2.29
CA TYR A 92 -8.69 16.43 -1.26
C TYR A 92 -7.74 15.53 -0.49
N CYS A 93 -6.53 16.02 -0.24
CA CYS A 93 -5.67 15.35 0.72
C CYS A 93 -5.88 15.95 2.10
N ALA A 94 -5.72 15.13 3.13
CA ALA A 94 -6.04 15.52 4.49
C ALA A 94 -5.00 14.96 5.44
N ALA A 95 -4.74 15.73 6.50
CA ALA A 95 -3.86 15.33 7.58
C ALA A 95 -4.63 15.37 8.90
N ASP A 96 -4.28 14.48 9.81
CA ASP A 96 -4.97 14.38 11.08
C ASP A 96 -3.99 14.01 12.17
N ARG A 97 -4.05 14.74 13.29
CA ARG A 97 -3.26 14.43 14.46
C ARG A 97 -4.00 13.43 15.33
N LYS A 98 -4.53 12.38 14.71
CA LYS A 98 -5.25 11.33 15.39
C LYS A 98 -4.70 9.97 14.97
N SER A 99 -5.01 8.95 15.77
CA SER A 99 -4.56 7.61 15.44
C SER A 99 -5.28 7.06 14.22
N VAL A 100 -6.53 7.47 14.00
CA VAL A 100 -7.30 7.07 12.84
C VAL A 100 -7.86 8.33 12.18
N MET A 101 -7.93 8.32 10.86
CA MET A 101 -8.47 9.46 10.11
C MET A 101 -9.88 9.78 10.57
N SER A 102 -10.13 11.06 10.85
CA SER A 102 -11.46 11.56 11.17
C SER A 102 -12.11 12.16 9.93
N ILE A 103 -13.45 12.23 9.95
CA ILE A 103 -14.15 12.90 8.86
C ILE A 103 -14.14 14.41 9.03
N ARG A 104 -13.72 14.92 10.19
CA ARG A 104 -13.47 16.33 10.42
C ARG A 104 -12.01 16.48 10.82
N PRO A 105 -11.08 16.39 9.86
CA PRO A 105 -9.65 16.41 10.20
C PRO A 105 -9.19 17.81 10.56
N ASP A 106 -7.92 17.87 10.99
CA ASP A 106 -7.33 19.14 11.36
C ASP A 106 -6.98 19.97 10.13
N TYR A 107 -6.52 19.33 9.06
CA TYR A 107 -5.95 20.03 7.92
C TYR A 107 -6.53 19.48 6.62
N TRP A 108 -6.83 20.41 5.70
CA TRP A 108 -7.42 20.08 4.42
C TRP A 108 -6.55 20.65 3.30
N GLY A 109 -6.75 20.10 2.11
CA GLY A 109 -6.12 20.62 0.91
C GLY A 109 -7.10 21.40 0.06
N GLN A 110 -6.56 22.02 -0.99
CA GLN A 110 -7.42 22.75 -1.92
C GLN A 110 -8.27 21.82 -2.78
N GLY A 111 -7.91 20.54 -2.86
CA GLY A 111 -8.61 19.61 -3.71
C GLY A 111 -8.21 19.74 -5.16
N THR A 112 -7.97 18.61 -5.82
CA THR A 112 -7.59 18.60 -7.22
C THR A 112 -8.57 17.75 -8.01
N GLN A 113 -9.00 18.26 -9.17
CA GLN A 113 -10.03 17.57 -9.93
C GLN A 113 -9.47 16.33 -10.61
N VAL A 114 -10.24 15.25 -10.56
CA VAL A 114 -9.91 14.00 -11.26
C VAL A 114 -11.15 13.60 -12.05
N THR A 115 -11.00 13.49 -13.37
CA THR A 115 -12.12 13.25 -14.27
C THR A 115 -11.86 11.97 -15.05
N VAL A 116 -12.75 10.99 -14.91
CA VAL A 116 -12.62 9.70 -15.59
C VAL A 116 -13.61 9.70 -16.75
N SER A 117 -13.10 9.96 -17.95
CA SER A 117 -13.86 9.86 -19.19
C SER A 117 -14.17 8.40 -19.50
N SER A 118 -15.21 8.21 -20.31
CA SER A 118 -15.60 6.90 -20.82
C SER A 118 -15.26 6.80 -22.30
N HIS A 119 -15.28 5.58 -22.81
CA HIS A 119 -14.86 5.31 -24.17
C HIS A 119 -16.07 5.34 -25.11
N HIS A 120 -15.82 5.08 -26.39
CA HIS A 120 -16.82 5.14 -27.45
C HIS A 120 -17.41 6.55 -27.54
N GLN B 7 -17.23 -8.26 7.77
CA GLN B 7 -16.97 -7.11 6.92
C GLN B 7 -15.48 -6.77 6.90
N CYS B 8 -14.78 -7.16 7.96
CA CYS B 8 -13.35 -6.86 8.10
C CYS B 8 -12.64 -8.13 8.54
N SER B 9 -11.42 -7.98 9.04
CA SER B 9 -10.60 -9.11 9.43
C SER B 9 -10.82 -9.44 10.91
N GLN B 10 -9.96 -10.30 11.45
CA GLN B 10 -10.04 -10.66 12.87
C GLN B 10 -9.64 -9.49 13.75
N ASN B 11 -8.58 -8.76 13.37
CA ASN B 11 -8.05 -7.65 14.16
C ASN B 11 -8.38 -6.30 13.52
N GLU B 12 -9.48 -6.23 12.79
CA GLU B 12 -9.95 -5.00 12.18
C GLU B 12 -11.36 -4.69 12.66
N TYR B 13 -11.68 -3.40 12.72
CA TYR B 13 -13.03 -2.95 13.02
C TYR B 13 -13.53 -2.05 11.90
N PHE B 14 -14.85 -1.96 11.75
CA PHE B 14 -15.44 -1.18 10.68
C PHE B 14 -15.84 0.20 11.18
N ASP B 15 -15.46 1.23 10.43
CA ASP B 15 -15.83 2.61 10.69
C ASP B 15 -16.90 3.00 9.68
N SER B 16 -18.12 3.24 10.18
CA SER B 16 -19.24 3.61 9.31
C SER B 16 -19.06 5.00 8.71
N LEU B 17 -18.46 5.93 9.46
CA LEU B 17 -18.28 7.28 8.95
C LEU B 17 -17.22 7.34 7.85
N LEU B 18 -16.21 6.47 7.92
CA LEU B 18 -15.26 6.32 6.83
C LEU B 18 -15.67 5.21 5.86
N HIS B 19 -16.60 4.34 6.27
CA HIS B 19 -16.97 3.15 5.50
C HIS B 19 -15.74 2.31 5.20
N ALA B 20 -14.92 2.08 6.22
CA ALA B 20 -13.61 1.48 5.99
C ALA B 20 -13.26 0.52 7.12
N CYS B 21 -12.47 -0.50 6.77
CA CYS B 21 -11.90 -1.38 7.78
C CYS B 21 -10.61 -0.76 8.32
N ILE B 22 -10.46 -0.79 9.64
CA ILE B 22 -9.36 -0.13 10.33
C ILE B 22 -8.63 -1.17 11.15
N PRO B 23 -7.29 -1.23 11.09
CA PRO B 23 -6.56 -2.12 11.99
C PRO B 23 -6.73 -1.68 13.43
N CYS B 24 -7.08 -2.64 14.30
CA CYS B 24 -7.33 -2.32 15.70
C CYS B 24 -6.08 -1.87 16.43
N GLN B 25 -4.89 -2.10 15.84
CA GLN B 25 -3.65 -1.64 16.47
C GLN B 25 -3.66 -0.13 16.65
N LEU B 26 -4.25 0.59 15.70
CA LEU B 26 -4.35 2.05 15.79
C LEU B 26 -5.27 2.51 16.92
N ARG B 27 -5.90 1.61 17.66
CA ARG B 27 -6.82 2.00 18.71
C ARG B 27 -6.46 1.45 20.09
N CYS B 28 -5.38 0.66 20.22
CA CYS B 28 -4.99 0.16 21.53
C CYS B 28 -4.77 1.29 22.52
N SER B 29 -4.15 2.38 22.06
CA SER B 29 -3.86 3.53 22.90
C SER B 29 -5.07 4.45 23.09
N SER B 30 -6.21 4.13 22.50
CA SER B 30 -7.40 4.93 22.70
C SER B 30 -7.81 4.93 24.17
N ASN B 31 -8.63 5.92 24.53
CA ASN B 31 -9.34 5.84 25.81
C ASN B 31 -10.25 4.63 25.82
N THR B 32 -10.96 4.40 24.72
CA THR B 32 -11.90 3.29 24.60
C THR B 32 -11.73 2.65 23.23
N PRO B 33 -10.85 1.64 23.11
CA PRO B 33 -10.78 0.89 21.88
C PRO B 33 -12.12 0.22 21.58
N PRO B 34 -12.48 0.08 20.31
CA PRO B 34 -13.74 -0.59 19.97
C PRO B 34 -13.81 -1.99 20.57
N LEU B 35 -15.04 -2.42 20.88
CA LEU B 35 -15.22 -3.68 21.61
C LEU B 35 -14.58 -4.84 20.88
N THR B 36 -14.74 -4.92 19.56
CA THR B 36 -14.12 -5.99 18.79
C THR B 36 -12.61 -5.87 18.74
N CYS B 37 -12.02 -4.81 19.31
CA CYS B 37 -10.58 -4.63 19.27
C CYS B 37 -9.91 -4.92 20.60
N GLN B 38 -10.64 -4.76 21.70
CA GLN B 38 -10.07 -5.03 23.02
C GLN B 38 -9.49 -6.43 23.11
N ARG B 39 -10.13 -7.39 22.43
CA ARG B 39 -9.60 -8.74 22.31
C ARG B 39 -8.12 -8.72 21.91
N TYR B 40 -7.80 -8.01 20.84
CA TYR B 40 -6.48 -8.05 20.24
C TYR B 40 -5.52 -7.13 20.98
N CYS B 41 -6.00 -5.96 21.41
CA CYS B 41 -5.11 -4.95 21.98
C CYS B 41 -4.73 -5.28 23.42
N ASN B 42 -5.66 -5.83 24.20
CA ASN B 42 -5.32 -6.21 25.57
C ASN B 42 -4.34 -7.36 25.63
N ALA B 43 -4.20 -8.13 24.55
CA ALA B 43 -3.33 -9.29 24.49
C ALA B 43 -2.29 -9.16 23.38
N SER B 44 -1.73 -7.96 23.21
CA SER B 44 -0.71 -7.74 22.20
C SER B 44 0.69 -7.82 22.81
N VAL B 45 1.65 -7.15 22.19
CA VAL B 45 3.03 -7.11 22.69
C VAL B 45 3.71 -5.90 22.07
N THR B 46 4.58 -5.25 22.85
CA THR B 46 5.18 -3.98 22.47
C THR B 46 6.55 -4.12 21.83
N ASN B 47 6.93 -5.32 21.41
CA ASN B 47 8.21 -5.52 20.73
C ASN B 47 8.00 -5.82 19.25
N GLU C 1 11.20 -10.40 -24.20
CA GLU C 1 11.65 -10.38 -22.82
C GLU C 1 11.42 -9.01 -22.18
N VAL C 2 10.77 -9.00 -21.01
CA VAL C 2 10.56 -7.77 -20.27
C VAL C 2 11.89 -7.28 -19.71
N GLN C 3 12.10 -5.96 -19.76
CA GLN C 3 13.29 -5.34 -19.19
C GLN C 3 12.88 -4.54 -17.95
N LEU C 4 13.60 -4.72 -16.86
CA LEU C 4 13.31 -4.06 -15.59
C LEU C 4 14.45 -3.12 -15.25
N VAL C 5 14.13 -1.83 -15.08
CA VAL C 5 15.12 -0.80 -14.78
C VAL C 5 14.77 -0.19 -13.43
N GLU C 6 15.72 -0.20 -12.50
CA GLU C 6 15.45 0.28 -11.15
C GLU C 6 16.12 1.63 -10.90
N SER C 7 15.63 2.31 -9.87
CA SER C 7 16.13 3.64 -9.53
C SER C 7 15.71 3.98 -8.10
N GLY C 8 16.46 4.89 -7.49
CA GLY C 8 16.15 5.41 -6.18
C GLY C 8 17.02 4.90 -5.05
N GLY C 9 17.94 3.97 -5.32
CA GLY C 9 18.76 3.41 -4.26
C GLY C 9 19.76 4.42 -3.72
N GLY C 10 20.39 4.05 -2.62
CA GLY C 10 21.40 4.91 -2.04
C GLY C 10 21.54 4.67 -0.55
N LEU C 11 22.02 5.71 0.13
CA LEU C 11 22.34 5.65 1.54
C LEU C 11 21.25 6.33 2.36
N VAL C 12 20.93 5.73 3.52
CA VAL C 12 19.94 6.25 4.44
C VAL C 12 20.40 5.98 5.87
N GLN C 13 19.82 6.72 6.81
CA GLN C 13 20.05 6.48 8.22
C GLN C 13 18.90 5.68 8.82
N ALA C 14 19.20 5.01 9.93
CA ALA C 14 18.17 4.24 10.63
C ALA C 14 17.00 5.16 11.01
N GLY C 15 15.79 4.68 10.76
CA GLY C 15 14.60 5.46 11.00
C GLY C 15 14.17 6.35 9.85
N GLY C 16 14.92 6.38 8.75
CA GLY C 16 14.63 7.25 7.63
C GLY C 16 13.68 6.61 6.64
N SER C 17 13.54 7.27 5.49
CA SER C 17 12.66 6.84 4.42
C SER C 17 13.42 6.82 3.11
N LEU C 18 13.00 5.92 2.22
CA LEU C 18 13.61 5.79 0.90
C LEU C 18 12.62 5.18 -0.07
N ARG C 19 12.53 5.76 -1.26
CA ARG C 19 11.64 5.28 -2.30
C ARG C 19 12.46 4.60 -3.39
N LEU C 20 12.07 3.37 -3.75
CA LEU C 20 12.62 2.68 -4.90
C LEU C 20 11.53 2.61 -5.97
N SER C 21 11.94 2.71 -7.23
CA SER C 21 11.02 2.50 -8.33
C SER C 21 11.67 1.59 -9.37
N CYS C 22 10.83 0.96 -10.19
CA CYS C 22 11.29 0.04 -11.22
C CYS C 22 10.31 0.12 -12.38
N ALA C 23 10.84 0.44 -13.56
CA ALA C 23 10.08 0.56 -14.79
C ALA C 23 10.28 -0.68 -15.64
N ALA C 24 9.17 -1.26 -16.11
CA ALA C 24 9.17 -2.43 -16.96
C ALA C 24 8.78 -2.04 -18.38
N SER C 25 9.40 -2.70 -19.36
CA SER C 25 9.06 -2.46 -20.76
C SER C 25 7.73 -3.09 -21.17
N GLY C 26 7.16 -3.94 -20.31
CA GLY C 26 5.87 -4.56 -20.60
C GLY C 26 5.15 -4.91 -19.32
N ARG C 27 3.85 -5.17 -19.45
CA ARG C 27 2.99 -5.40 -18.25
C ARG C 27 2.76 -6.90 -17.97
N THR C 28 3.17 -7.33 -16.78
CA THR C 28 2.92 -8.67 -16.27
C THR C 28 1.91 -8.58 -15.13
N PHE C 29 1.35 -9.73 -14.75
CA PHE C 29 0.31 -9.71 -13.73
C PHE C 29 0.86 -9.36 -12.35
N THR C 30 2.05 -9.86 -12.02
CA THR C 30 2.66 -9.63 -10.72
C THR C 30 3.90 -8.77 -10.88
N MET C 31 4.01 -7.72 -10.06
CA MET C 31 5.23 -6.92 -9.99
C MET C 31 5.63 -6.75 -8.53
N GLY C 32 6.92 -6.81 -8.26
CA GLY C 32 7.35 -6.69 -6.87
C GLY C 32 8.84 -6.52 -6.73
N TRP C 33 9.32 -6.82 -5.53
CA TRP C 33 10.70 -6.58 -5.12
C TRP C 33 11.19 -7.71 -4.25
N PHE C 34 12.42 -8.16 -4.52
CA PHE C 34 13.23 -9.01 -3.68
C PHE C 34 14.44 -8.22 -3.19
N ARG C 35 15.17 -8.80 -2.25
CA ARG C 35 16.42 -8.20 -1.80
C ARG C 35 17.38 -9.29 -1.38
N GLN C 36 18.67 -8.96 -1.45
CA GLN C 36 19.73 -9.89 -1.07
C GLN C 36 20.78 -9.11 -0.28
N ALA C 37 21.01 -9.54 0.96
CA ALA C 37 21.99 -8.94 1.86
C ALA C 37 23.32 -9.67 1.75
N PRO C 38 24.44 -9.01 2.13
CA PRO C 38 25.74 -9.67 2.07
C PRO C 38 25.79 -11.00 2.80
N GLY C 39 26.12 -12.06 2.08
CA GLY C 39 26.24 -13.38 2.68
C GLY C 39 24.92 -14.06 2.99
N LYS C 40 23.84 -13.69 2.30
CA LYS C 40 22.53 -14.27 2.51
C LYS C 40 21.92 -14.61 1.16
N GLU C 41 20.86 -15.41 1.18
CA GLU C 41 20.13 -15.75 -0.03
C GLU C 41 19.06 -14.69 -0.30
N ARG C 42 18.78 -14.49 -1.59
CA ARG C 42 17.79 -13.50 -2.00
C ARG C 42 16.44 -13.81 -1.37
N GLU C 43 15.83 -12.79 -0.76
CA GLU C 43 14.59 -12.96 -0.03
C GLU C 43 13.50 -12.04 -0.58
N PHE C 44 12.27 -12.54 -0.57
CA PHE C 44 11.13 -11.79 -1.06
C PHE C 44 10.88 -10.57 -0.17
N VAL C 45 10.56 -9.44 -0.80
CA VAL C 45 10.24 -8.21 -0.09
C VAL C 45 8.75 -7.90 -0.19
N ALA C 46 8.26 -7.62 -1.40
CA ALA C 46 6.86 -7.23 -1.56
C ALA C 46 6.42 -7.55 -2.98
N ALA C 47 5.10 -7.59 -3.18
CA ALA C 47 4.57 -7.79 -4.52
C ALA C 47 3.15 -7.28 -4.57
N ILE C 48 2.68 -7.07 -5.79
CA ILE C 48 1.36 -6.49 -6.03
C ILE C 48 0.83 -7.01 -7.37
N SER C 49 -0.47 -7.29 -7.39
CA SER C 49 -1.18 -7.88 -8.51
C SER C 49 -1.70 -6.81 -9.47
N LEU C 50 -2.02 -7.24 -10.68
CA LEU C 50 -2.51 -6.32 -11.70
C LEU C 50 -3.97 -5.95 -11.47
N SER C 51 -4.84 -6.95 -11.38
CA SER C 51 -6.26 -6.72 -11.18
C SER C 51 -6.89 -7.91 -10.48
N PRO C 52 -7.37 -7.75 -9.24
CA PRO C 52 -7.34 -6.49 -8.49
C PRO C 52 -5.95 -6.19 -7.95
N THR C 53 -5.70 -4.95 -7.55
CA THR C 53 -4.40 -4.55 -7.03
C THR C 53 -4.34 -4.97 -5.56
N LEU C 54 -3.75 -6.12 -5.29
CA LEU C 54 -3.63 -6.66 -3.94
C LEU C 54 -2.16 -6.78 -3.59
N ALA C 55 -1.75 -6.10 -2.53
CA ALA C 55 -0.36 -6.04 -2.11
C ALA C 55 -0.11 -7.06 -1.00
N TYR C 56 1.06 -7.70 -1.06
CA TYR C 56 1.47 -8.60 0.00
C TYR C 56 2.97 -8.43 0.26
N TYR C 57 3.35 -8.62 1.52
CA TYR C 57 4.68 -8.28 2.00
C TYR C 57 5.25 -9.43 2.82
N ALA C 58 6.57 -9.56 2.79
CA ALA C 58 7.24 -10.46 3.71
C ALA C 58 6.95 -10.03 5.15
N GLU C 59 6.97 -11.00 6.06
CA GLU C 59 6.63 -10.72 7.44
C GLU C 59 7.59 -9.74 8.10
N SER C 60 8.82 -9.64 7.61
CA SER C 60 9.84 -8.80 8.21
C SER C 60 9.81 -7.36 7.73
N VAL C 61 8.87 -7.00 6.85
CA VAL C 61 8.80 -5.64 6.34
C VAL C 61 7.38 -5.11 6.47
N LYS C 62 6.44 -5.98 6.80
CA LYS C 62 5.05 -5.56 6.94
C LYS C 62 4.92 -4.49 8.02
N GLY C 63 4.14 -3.46 7.73
CA GLY C 63 4.00 -2.33 8.62
C GLY C 63 5.08 -1.28 8.49
N ARG C 64 6.08 -1.50 7.64
CA ARG C 64 7.16 -0.53 7.46
C ARG C 64 7.35 -0.17 6.00
N PHE C 65 7.15 -1.13 5.10
CA PHE C 65 7.27 -0.89 3.67
C PHE C 65 5.91 -1.05 3.01
N THR C 66 5.59 -0.16 2.09
CA THR C 66 4.42 -0.31 1.24
C THR C 66 4.87 -0.46 -0.21
N ILE C 67 4.01 -1.03 -1.03
CA ILE C 67 4.28 -1.19 -2.45
C ILE C 67 3.05 -0.73 -3.23
N SER C 68 3.31 -0.11 -4.38
CA SER C 68 2.24 0.40 -5.28
C SER C 68 2.75 0.34 -6.73
N ARG C 69 1.86 0.06 -7.69
CA ARG C 69 2.26 -0.03 -9.08
C ARG C 69 1.35 0.86 -9.91
N ASP C 70 1.96 1.50 -10.91
CA ASP C 70 1.23 2.18 -11.96
C ASP C 70 1.18 1.23 -13.16
N ASN C 71 -0.02 0.72 -13.45
CA ASN C 71 -0.20 -0.28 -14.50
C ASN C 71 -0.13 0.34 -15.89
N ALA C 72 -0.64 1.56 -16.01
CA ALA C 72 -0.46 2.31 -17.25
C ALA C 72 1.02 2.55 -17.53
N LYS C 73 1.74 3.15 -16.58
CA LYS C 73 3.16 3.41 -16.73
C LYS C 73 4.01 2.16 -16.61
N ASN C 74 3.44 1.02 -16.19
CA ASN C 74 4.18 -0.23 -16.02
C ASN C 74 5.32 -0.08 -15.01
N THR C 75 5.09 0.72 -13.96
CA THR C 75 6.07 0.93 -12.91
C THR C 75 5.62 0.27 -11.62
N VAL C 76 6.59 -0.04 -10.77
CA VAL C 76 6.35 -0.50 -9.41
C VAL C 76 7.20 0.34 -8.47
N VAL C 77 6.65 0.66 -7.30
CA VAL C 77 7.30 1.54 -6.34
C VAL C 77 7.24 0.88 -4.98
N LEU C 78 8.40 0.84 -4.30
CA LEU C 78 8.54 0.34 -2.93
C LEU C 78 8.90 1.52 -2.04
N GLN C 79 7.98 1.90 -1.16
CA GLN C 79 8.20 3.00 -0.22
C GLN C 79 8.61 2.40 1.13
N MET C 80 9.82 2.74 1.58
CA MET C 80 10.38 2.20 2.81
C MET C 80 10.42 3.29 3.87
N ASN C 81 9.81 3.02 5.02
CA ASN C 81 9.89 3.86 6.21
C ASN C 81 10.44 3.03 7.36
N SER C 82 10.77 3.72 8.45
CA SER C 82 11.29 3.08 9.66
C SER C 82 12.41 2.09 9.33
N LEU C 83 13.38 2.57 8.55
CA LEU C 83 14.46 1.71 8.09
C LEU C 83 15.37 1.29 9.25
N LYS C 84 15.75 0.02 9.25
CA LYS C 84 16.74 -0.52 10.16
C LYS C 84 18.03 -0.83 9.40
N PRO C 85 19.17 -0.88 10.11
CA PRO C 85 20.43 -1.24 9.41
C PRO C 85 20.38 -2.59 8.73
N GLU C 86 19.58 -3.53 9.23
CA GLU C 86 19.46 -4.85 8.62
C GLU C 86 18.69 -4.81 7.31
N ASP C 87 18.08 -3.68 6.95
CA ASP C 87 17.46 -3.53 5.65
C ASP C 87 18.46 -3.25 4.54
N THR C 88 19.74 -3.09 4.89
CA THR C 88 20.79 -2.91 3.89
C THR C 88 20.88 -4.14 3.01
N ALA C 89 20.79 -3.93 1.70
CA ALA C 89 20.83 -5.03 0.73
C ALA C 89 20.81 -4.47 -0.68
N LEU C 90 21.02 -5.36 -1.65
CA LEU C 90 20.69 -5.08 -3.03
C LEU C 90 19.21 -5.39 -3.25
N TYR C 91 18.46 -4.43 -3.75
CA TYR C 91 17.04 -4.60 -4.00
C TYR C 91 16.83 -4.82 -5.50
N TYR C 92 16.28 -5.97 -5.85
CA TYR C 92 16.00 -6.35 -7.24
C TYR C 92 14.49 -6.29 -7.46
N CYS C 93 14.05 -5.46 -8.39
CA CYS C 93 12.65 -5.56 -8.77
C CYS C 93 12.46 -6.75 -9.70
N ALA C 94 11.30 -7.37 -9.59
CA ALA C 94 10.98 -8.58 -10.34
C ALA C 94 9.58 -8.47 -10.92
N ALA C 95 9.40 -9.06 -12.10
CA ALA C 95 8.11 -9.17 -12.75
C ALA C 95 7.82 -10.64 -12.99
N ASP C 96 6.56 -11.04 -12.82
CA ASP C 96 6.17 -12.43 -12.91
C ASP C 96 4.81 -12.54 -13.57
N ARG C 97 4.74 -13.37 -14.62
CA ARG C 97 3.47 -13.69 -15.27
C ARG C 97 2.78 -14.84 -14.53
N LYS C 98 2.49 -14.58 -13.26
CA LYS C 98 1.84 -15.56 -12.40
C LYS C 98 0.80 -14.86 -11.54
N SER C 99 -0.07 -15.66 -10.94
CA SER C 99 -1.04 -15.12 -9.99
C SER C 99 -0.34 -14.51 -8.78
N VAL C 100 0.58 -15.26 -8.18
CA VAL C 100 1.37 -14.82 -7.04
C VAL C 100 2.83 -14.84 -7.45
N MET C 101 3.59 -13.89 -6.91
CA MET C 101 5.03 -13.85 -7.15
C MET C 101 5.68 -15.17 -6.75
N SER C 102 6.60 -15.63 -7.58
CA SER C 102 7.38 -16.84 -7.32
C SER C 102 8.81 -16.45 -6.98
N ILE C 103 9.50 -17.35 -6.28
CA ILE C 103 10.91 -17.10 -5.95
C ILE C 103 11.83 -17.31 -7.13
N ARG C 104 11.31 -17.80 -8.25
CA ARG C 104 12.01 -17.83 -9.54
C ARG C 104 11.15 -17.09 -10.55
N PRO C 105 11.07 -15.76 -10.46
CA PRO C 105 10.23 -15.01 -11.39
C PRO C 105 10.82 -15.02 -12.79
N ASP C 106 9.98 -14.65 -13.76
CA ASP C 106 10.39 -14.66 -15.16
C ASP C 106 11.47 -13.63 -15.43
N TYR C 107 11.43 -12.48 -14.74
CA TYR C 107 12.30 -11.36 -15.04
C TYR C 107 12.90 -10.78 -13.77
N TRP C 108 14.08 -10.18 -13.92
CA TRP C 108 14.81 -9.58 -12.82
C TRP C 108 15.37 -8.23 -13.26
N GLY C 109 15.48 -7.31 -12.30
CA GLY C 109 16.22 -6.09 -12.50
C GLY C 109 17.70 -6.30 -12.20
N GLN C 110 18.49 -5.26 -12.47
CA GLN C 110 19.92 -5.35 -12.23
C GLN C 110 20.24 -5.40 -10.75
N GLY C 111 19.45 -4.72 -9.92
CA GLY C 111 19.75 -4.63 -8.50
C GLY C 111 20.27 -3.27 -8.13
N THR C 112 19.63 -2.61 -7.17
CA THR C 112 20.04 -1.29 -6.72
C THR C 112 20.38 -1.35 -5.23
N GLN C 113 21.53 -0.78 -4.86
CA GLN C 113 22.01 -0.90 -3.49
C GLN C 113 21.27 0.06 -2.57
N VAL C 114 20.92 -0.42 -1.38
CA VAL C 114 20.34 0.40 -0.31
C VAL C 114 21.13 0.12 0.96
N THR C 115 21.77 1.16 1.49
CA THR C 115 22.64 1.04 2.66
C THR C 115 22.04 1.85 3.80
N VAL C 116 21.61 1.18 4.85
CA VAL C 116 21.07 1.83 6.05
C VAL C 116 22.15 1.81 7.11
N SER C 117 22.53 2.98 7.61
CA SER C 117 23.61 3.13 8.56
C SER C 117 23.07 3.59 9.91
N SER C 118 23.71 3.10 10.98
CA SER C 118 23.35 3.48 12.33
C SER C 118 23.77 4.93 12.59
N HIS C 119 23.25 5.48 13.70
CA HIS C 119 23.63 6.80 14.17
C HIS C 119 24.74 6.69 15.21
N HIS C 120 25.51 7.78 15.33
CA HIS C 120 26.58 8.06 16.31
C HIS C 120 27.82 8.54 15.56
N GLN D 7 -0.77 -16.53 11.69
CA GLN D 7 -0.07 -15.35 11.17
C GLN D 7 -0.94 -14.58 10.17
N CYS D 8 -1.61 -15.32 9.29
CA CYS D 8 -2.43 -14.74 8.24
C CYS D 8 -3.88 -14.59 8.71
N SER D 9 -4.66 -13.82 7.95
CA SER D 9 -6.03 -13.52 8.30
C SER D 9 -6.97 -14.61 7.78
N GLN D 10 -8.28 -14.33 7.79
CA GLN D 10 -9.28 -15.37 7.56
C GLN D 10 -9.16 -15.98 6.18
N ASN D 11 -8.98 -15.15 5.16
CA ASN D 11 -8.93 -15.61 3.77
C ASN D 11 -7.58 -15.31 3.15
N GLU D 12 -6.51 -15.53 3.91
CA GLU D 12 -5.14 -15.49 3.42
C GLU D 12 -4.47 -16.83 3.70
N TYR D 13 -3.37 -17.08 3.00
CA TYR D 13 -2.56 -18.26 3.25
C TYR D 13 -1.09 -17.88 3.30
N PHE D 14 -0.31 -18.58 4.13
CA PHE D 14 1.10 -18.27 4.30
C PHE D 14 1.95 -19.04 3.31
N ASP D 15 2.87 -18.34 2.64
CA ASP D 15 3.76 -18.93 1.66
C ASP D 15 5.11 -19.18 2.32
N SER D 16 5.48 -20.46 2.44
CA SER D 16 6.71 -20.83 3.13
C SER D 16 7.94 -20.22 2.46
N LEU D 17 7.93 -20.12 1.13
CA LEU D 17 9.11 -19.65 0.41
C LEU D 17 9.15 -18.13 0.29
N LEU D 18 8.00 -17.46 0.24
CA LEU D 18 7.99 -16.01 0.27
C LEU D 18 8.05 -15.45 1.69
N HIS D 19 7.67 -16.25 2.69
CA HIS D 19 7.51 -15.79 4.07
C HIS D 19 6.54 -14.62 4.13
N ALA D 20 5.42 -14.77 3.40
CA ALA D 20 4.42 -13.72 3.26
C ALA D 20 3.04 -14.33 3.27
N CYS D 21 2.08 -13.55 3.79
CA CYS D 21 0.67 -13.92 3.75
C CYS D 21 0.05 -13.40 2.46
N ILE D 22 -0.52 -14.31 1.68
CA ILE D 22 -1.03 -14.05 0.34
C ILE D 22 -2.56 -14.04 0.37
N PRO D 23 -3.22 -13.12 -0.33
CA PRO D 23 -4.68 -13.18 -0.42
C PRO D 23 -5.12 -14.35 -1.28
N CYS D 24 -6.07 -15.14 -0.75
CA CYS D 24 -6.48 -16.36 -1.44
C CYS D 24 -7.13 -16.07 -2.79
N GLN D 25 -7.74 -14.89 -2.95
CA GLN D 25 -8.39 -14.55 -4.21
C GLN D 25 -7.42 -14.58 -5.38
N LEU D 26 -6.13 -14.44 -5.12
CA LEU D 26 -5.12 -14.64 -6.15
C LEU D 26 -4.97 -16.11 -6.55
N ARG D 27 -5.75 -17.02 -5.97
CA ARG D 27 -5.63 -18.43 -6.29
C ARG D 27 -6.93 -19.08 -6.76
N CYS D 28 -8.06 -18.37 -6.72
CA CYS D 28 -9.31 -18.97 -7.21
C CYS D 28 -9.19 -19.34 -8.68
N SER D 29 -8.52 -18.51 -9.47
CA SER D 29 -8.32 -18.80 -10.88
C SER D 29 -7.41 -19.99 -11.12
N SER D 30 -6.55 -20.32 -10.16
CA SER D 30 -5.56 -21.37 -10.35
C SER D 30 -6.20 -22.75 -10.35
N ASN D 31 -5.44 -23.71 -10.86
CA ASN D 31 -5.96 -25.08 -11.01
C ASN D 31 -6.18 -25.76 -9.66
N THR D 32 -5.37 -25.41 -8.66
CA THR D 32 -5.48 -26.03 -7.34
C THR D 32 -5.14 -25.01 -6.28
N PRO D 33 -6.13 -24.28 -5.79
CA PRO D 33 -5.90 -23.34 -4.69
C PRO D 33 -5.51 -24.09 -3.42
N PRO D 34 -4.85 -23.43 -2.48
CA PRO D 34 -4.58 -24.07 -1.19
C PRO D 34 -5.88 -24.49 -0.51
N LEU D 35 -5.79 -25.57 0.27
CA LEU D 35 -6.96 -26.05 1.01
C LEU D 35 -7.56 -24.94 1.85
N THR D 36 -6.72 -24.21 2.58
CA THR D 36 -7.18 -23.14 3.47
C THR D 36 -7.99 -22.08 2.73
N CYS D 37 -7.88 -22.01 1.40
CA CYS D 37 -8.50 -20.96 0.60
C CYS D 37 -9.79 -21.39 -0.05
N GLN D 38 -9.86 -22.66 -0.48
CA GLN D 38 -11.05 -23.22 -1.16
C GLN D 38 -12.32 -22.64 -0.55
N ARG D 39 -12.39 -22.56 0.78
CA ARG D 39 -13.56 -22.03 1.45
C ARG D 39 -13.93 -20.69 0.81
N TYR D 40 -13.10 -19.67 1.03
CA TYR D 40 -13.34 -18.35 0.47
C TYR D 40 -13.46 -18.41 -1.06
N CYS D 41 -12.41 -18.91 -1.72
CA CYS D 41 -12.39 -19.07 -3.17
C CYS D 41 -13.43 -20.07 -3.63
N ASN D 42 -14.63 -19.55 -3.96
CA ASN D 42 -15.81 -20.21 -4.52
C ASN D 42 -16.85 -20.47 -3.44
N ALA D 43 -16.69 -19.83 -2.28
CA ALA D 43 -17.63 -19.87 -1.16
C ALA D 43 -17.74 -21.25 -0.53
N SER D 44 -17.31 -21.34 0.74
CA SER D 44 -17.39 -22.55 1.60
C SER D 44 -17.58 -23.88 0.88
#